data_1FZJ
#
_entry.id   1FZJ
#
_cell.length_a   134.91
_cell.length_b   88.35
_cell.length_c   45.27
_cell.angle_alpha   90.00
_cell.angle_beta   90.00
_cell.angle_gamma   90.00
#
_symmetry.space_group_name_H-M   'P 21 21 2'
#
loop_
_entity.id
_entity.type
_entity.pdbx_description
1 polymer 'H-2 CLASS I HISTOCOMPATIBILITY ANTIGEN, K-B ALPHA CHAIN'
2 polymer BETA-2-MICROGLOBULIN
3 polymer 'NUCLEOCAPSID PROTEIN'
4 branched 2-acetamido-2-deoxy-beta-D-glucopyranose-(1-4)-[beta-L-fucopyranose-(1-6)]2-acetamido-2-deoxy-beta-D-glucopyranose
5 non-polymer 2-acetamido-2-deoxy-beta-D-glucopyranose
6 non-polymer 'PHOSPHATE ION'
7 non-polymer (4S)-2-METHYL-2,4-PENTANEDIOL
8 water water
#
loop_
_entity_poly.entity_id
_entity_poly.type
_entity_poly.pdbx_seq_one_letter_code
_entity_poly.pdbx_strand_id
1 'polypeptide(L)'
;GPHSLRYFVTAVSRPGLGEPRYMEVGYVDDTEFVRFDSDAENPRYEPRARWMEQEGPEYWERETQKAKGNEQSFRVDLRT
LLGYYNQSKGGSHTIQVISGCEVGSDGRLLRGYQQYAYDG(CSO)DYIALNEDLKTWTAADMAALITKHKWEQAGAAEYY
RAYLEGTCVEWLRRYLKNGNATLLRTDSPKAHVTHHSRPEDKVTLRCWALGFYPADITLTWQLNGEELIQDMELVETRPA
GDGTFQKWASVVVPLGKEQYYTCHVYHQGLPEPLTLRW
;
A
2 'polypeptide(L)'
;IQKTPQIQVYSRHPPENGKPNILNCYVTQFHPPHIEIQMLKNGKKIPKVEMSDMSFSKDWSFYILAHTEFTPTETDTYAC
RVKHDSMAEPKTVYWDRDM
;
B
3 'polypeptide(L)' RGYVYQGL P
#
loop_
_chem_comp.id
_chem_comp.type
_chem_comp.name
_chem_comp.formula
FUL L-saccharide, beta linking beta-L-fucopyranose 'C6 H12 O5'
MPD non-polymer (4S)-2-METHYL-2,4-PENTANEDIOL 'C6 H14 O2'
NAG D-saccharide, beta linking 2-acetamido-2-deoxy-beta-D-glucopyranose 'C8 H15 N O6'
PO4 non-polymer 'PHOSPHATE ION' 'O4 P -3'
#
# COMPACT_ATOMS: atom_id res chain seq x y z
N GLY A 1 -11.45 18.05 2.72
CA GLY A 1 -10.01 18.11 3.09
C GLY A 1 -9.15 17.86 1.86
N PRO A 2 -7.83 17.68 2.03
CA PRO A 2 -6.91 17.43 0.92
C PRO A 2 -7.02 16.04 0.30
N HIS A 3 -6.60 15.93 -0.96
CA HIS A 3 -6.64 14.65 -1.66
C HIS A 3 -5.36 14.45 -2.43
N SER A 4 -5.04 13.20 -2.73
N SER A 4 -5.05 13.20 -2.74
CA SER A 4 -3.82 12.89 -3.44
CA SER A 4 -3.83 12.89 -3.45
C SER A 4 -4.02 11.93 -4.62
C SER A 4 -4.00 11.92 -4.61
N LEU A 5 -3.08 12.01 -5.56
CA LEU A 5 -3.07 11.15 -6.73
C LEU A 5 -1.64 10.63 -6.67
N ARG A 6 -1.48 9.32 -6.54
CA ARG A 6 -0.14 8.73 -6.45
C ARG A 6 0.04 7.55 -7.38
N TYR A 7 1.25 7.38 -7.89
CA TYR A 7 1.56 6.25 -8.76
C TYR A 7 2.78 5.56 -8.19
N PHE A 8 2.63 4.27 -7.90
CA PHE A 8 3.72 3.44 -7.38
C PHE A 8 4.20 2.61 -8.53
N VAL A 9 5.45 2.82 -8.92
CA VAL A 9 6.02 2.10 -10.05
C VAL A 9 7.18 1.21 -9.66
N THR A 10 7.19 0.03 -10.23
CA THR A 10 8.24 -0.93 -9.95
C THR A 10 8.73 -1.68 -11.17
N ALA A 11 10.05 -1.73 -11.34
CA ALA A 11 10.66 -2.47 -12.44
C ALA A 11 11.64 -3.44 -11.79
N VAL A 12 11.49 -4.72 -12.10
CA VAL A 12 12.36 -5.74 -11.49
C VAL A 12 12.98 -6.68 -12.52
N SER A 13 14.30 -6.68 -12.62
CA SER A 13 14.98 -7.58 -13.56
C SER A 13 15.00 -9.02 -13.08
N ARG A 14 15.14 -9.94 -14.02
CA ARG A 14 15.20 -11.36 -13.73
C ARG A 14 16.01 -12.06 -14.82
N PRO A 15 17.33 -11.87 -14.76
CA PRO A 15 18.25 -12.47 -15.73
C PRO A 15 18.03 -13.96 -15.90
N GLY A 16 17.98 -14.39 -17.16
CA GLY A 16 17.77 -15.78 -17.49
C GLY A 16 16.31 -16.14 -17.57
N LEU A 17 15.44 -15.23 -17.14
CA LEU A 17 14.00 -15.50 -17.16
C LEU A 17 13.20 -14.53 -18.01
N GLY A 18 13.87 -13.82 -18.92
CA GLY A 18 13.16 -12.89 -19.77
C GLY A 18 13.28 -11.44 -19.38
N GLU A 19 12.31 -10.65 -19.84
CA GLU A 19 12.30 -9.21 -19.56
C GLU A 19 11.90 -8.90 -18.14
N PRO A 20 12.27 -7.71 -17.65
CA PRO A 20 11.94 -7.28 -16.29
C PRO A 20 10.43 -7.25 -16.08
N ARG A 21 9.99 -7.40 -14.84
CA ARG A 21 8.56 -7.29 -14.61
C ARG A 21 8.37 -5.82 -14.34
N TYR A 22 7.35 -5.23 -14.97
CA TYR A 22 7.08 -3.82 -14.80
C TYR A 22 5.66 -3.63 -14.30
N MET A 23 5.51 -2.82 -13.26
N MET A 23 5.51 -2.82 -13.26
CA MET A 23 4.20 -2.60 -12.69
CA MET A 23 4.19 -2.62 -12.69
C MET A 23 3.95 -1.17 -12.28
C MET A 23 3.96 -1.16 -12.29
N GLU A 24 2.72 -0.73 -12.51
CA GLU A 24 2.29 0.60 -12.11
C GLU A 24 1.00 0.45 -11.33
N VAL A 25 0.91 1.10 -10.18
CA VAL A 25 -0.33 1.03 -9.42
C VAL A 25 -0.68 2.43 -9.01
N GLY A 26 -1.90 2.83 -9.36
CA GLY A 26 -2.34 4.17 -9.03
C GLY A 26 -3.37 4.27 -7.94
N TYR A 27 -3.23 5.29 -7.10
CA TYR A 27 -4.18 5.55 -6.02
C TYR A 27 -4.67 6.98 -5.98
N VAL A 28 -5.95 7.13 -5.62
CA VAL A 28 -6.52 8.44 -5.36
C VAL A 28 -6.76 8.26 -3.84
N ASP A 29 -6.07 9.07 -3.04
CA ASP A 29 -6.12 8.97 -1.58
C ASP A 29 -5.69 7.54 -1.24
N ASP A 30 -6.51 6.83 -0.46
CA ASP A 30 -6.18 5.46 -0.07
C ASP A 30 -6.88 4.40 -0.91
N THR A 31 -7.44 4.81 -2.05
CA THR A 31 -8.17 3.88 -2.92
C THR A 31 -7.39 3.54 -4.19
N GLU A 32 -7.17 2.24 -4.43
CA GLU A 32 -6.46 1.81 -5.63
C GLU A 32 -7.47 2.03 -6.77
N PHE A 33 -7.03 2.63 -7.89
CA PHE A 33 -7.98 2.87 -8.98
C PHE A 33 -7.52 2.44 -10.38
N VAL A 34 -6.21 2.26 -10.59
CA VAL A 34 -5.72 1.78 -11.88
C VAL A 34 -4.48 0.94 -11.68
N ARG A 35 -4.23 0.05 -12.64
CA ARG A 35 -3.07 -0.82 -12.57
C ARG A 35 -2.59 -1.31 -13.93
N PHE A 36 -1.28 -1.49 -14.03
CA PHE A 36 -0.64 -2.04 -15.21
C PHE A 36 0.37 -3.08 -14.74
N ASP A 37 0.28 -4.30 -15.29
CA ASP A 37 1.21 -5.37 -14.94
C ASP A 37 1.73 -6.05 -16.20
N SER A 38 3.02 -5.92 -16.46
CA SER A 38 3.61 -6.49 -17.66
C SER A 38 3.55 -8.00 -17.70
N ASP A 39 3.27 -8.63 -16.57
CA ASP A 39 3.19 -10.09 -16.56
C ASP A 39 1.82 -10.66 -16.86
N ALA A 40 0.84 -9.78 -17.05
CA ALA A 40 -0.52 -10.22 -17.37
C ALA A 40 -0.47 -10.85 -18.76
N GLU A 41 -1.48 -11.64 -19.09
CA GLU A 41 -1.54 -12.32 -20.40
C GLU A 41 -1.48 -11.34 -21.56
N ASN A 42 -2.22 -10.24 -21.45
CA ASN A 42 -2.24 -9.17 -22.47
C ASN A 42 -2.19 -7.86 -21.70
N PRO A 43 -0.98 -7.44 -21.30
CA PRO A 43 -0.73 -6.22 -20.53
C PRO A 43 -1.46 -4.98 -21.03
N ARG A 44 -2.30 -4.43 -20.15
CA ARG A 44 -3.07 -3.23 -20.44
C ARG A 44 -3.36 -2.51 -19.14
N TYR A 45 -3.57 -1.20 -19.23
CA TYR A 45 -3.92 -0.42 -18.05
C TYR A 45 -5.34 -0.87 -17.77
N GLU A 46 -5.65 -1.10 -16.49
CA GLU A 46 -6.97 -1.56 -16.12
C GLU A 46 -7.55 -0.79 -14.95
N PRO A 47 -8.87 -0.65 -14.93
CA PRO A 47 -9.53 0.08 -13.84
C PRO A 47 -9.49 -0.82 -12.59
N ARG A 48 -9.33 -0.21 -11.42
CA ARG A 48 -9.30 -0.96 -10.17
C ARG A 48 -10.38 -0.46 -9.23
N ALA A 49 -11.04 0.62 -9.63
CA ALA A 49 -12.15 1.19 -8.87
C ALA A 49 -13.34 1.25 -9.81
N ARG A 50 -14.53 1.01 -9.25
CA ARG A 50 -15.75 0.99 -10.02
C ARG A 50 -16.03 2.28 -10.81
N TRP A 51 -15.76 3.43 -10.21
CA TRP A 51 -16.03 4.70 -10.87
C TRP A 51 -15.15 4.97 -12.10
N MET A 52 -14.09 4.19 -12.28
CA MET A 52 -13.25 4.40 -13.46
C MET A 52 -13.94 3.89 -14.72
N GLU A 53 -15.15 3.37 -14.54
CA GLU A 53 -15.94 2.88 -15.67
C GLU A 53 -16.40 4.13 -16.44
N GLN A 54 -16.20 5.31 -15.84
CA GLN A 54 -16.62 6.57 -16.45
C GLN A 54 -15.66 7.11 -17.52
N GLU A 55 -14.49 6.49 -17.66
CA GLU A 55 -13.54 6.93 -18.69
C GLU A 55 -13.79 6.17 -19.99
N GLY A 56 -13.64 6.84 -21.13
CA GLY A 56 -13.88 6.18 -22.39
C GLY A 56 -12.74 5.26 -22.82
N PRO A 57 -12.93 4.51 -23.91
CA PRO A 57 -11.87 3.60 -24.37
C PRO A 57 -10.56 4.30 -24.72
N GLU A 58 -10.62 5.58 -25.06
CA GLU A 58 -9.40 6.32 -25.41
C GLU A 58 -8.49 6.46 -24.21
N TYR A 59 -9.09 6.60 -23.04
CA TYR A 59 -8.33 6.74 -21.81
C TYR A 59 -7.44 5.52 -21.66
N TRP A 60 -8.07 4.34 -21.70
CA TRP A 60 -7.34 3.09 -21.54
C TRP A 60 -6.29 2.87 -22.60
N GLU A 61 -6.61 3.18 -23.85
CA GLU A 61 -5.62 3.00 -24.91
C GLU A 61 -4.42 3.90 -24.66
N ARG A 62 -4.66 5.17 -24.36
CA ARG A 62 -3.55 6.09 -24.11
C ARG A 62 -2.72 5.75 -22.89
N GLU A 63 -3.36 5.31 -21.82
CA GLU A 63 -2.59 4.97 -20.63
C GLU A 63 -1.80 3.69 -20.87
N THR A 64 -2.35 2.78 -21.66
CA THR A 64 -1.63 1.53 -21.96
C THR A 64 -0.39 1.85 -22.81
N GLN A 65 -0.52 2.75 -23.79
CA GLN A 65 0.65 3.09 -24.59
C GLN A 65 1.71 3.79 -23.75
N LYS A 66 1.29 4.64 -22.83
CA LYS A 66 2.24 5.35 -21.96
C LYS A 66 2.98 4.34 -21.08
N ALA A 67 2.23 3.37 -20.57
CA ALA A 67 2.80 2.32 -19.71
C ALA A 67 3.81 1.47 -20.47
N LYS A 68 3.48 1.06 -21.69
CA LYS A 68 4.42 0.26 -22.47
C LYS A 68 5.68 1.03 -22.80
N GLY A 69 5.55 2.35 -22.95
CA GLY A 69 6.72 3.17 -23.23
C GLY A 69 7.55 3.28 -21.95
N ASN A 70 6.85 3.45 -20.83
CA ASN A 70 7.54 3.55 -19.54
C ASN A 70 8.27 2.24 -19.26
N GLU A 71 7.62 1.12 -19.59
CA GLU A 71 8.21 -0.20 -19.40
C GLU A 71 9.54 -0.33 -20.12
N GLN A 72 9.58 0.12 -21.37
CA GLN A 72 10.81 0.03 -22.15
C GLN A 72 11.90 0.93 -21.60
N SER A 73 11.53 2.12 -21.16
N SER A 73 11.55 2.14 -21.18
CA SER A 73 12.47 3.08 -20.62
CA SER A 73 12.57 3.04 -20.64
C SER A 73 13.10 2.55 -19.33
C SER A 73 13.14 2.50 -19.33
N PHE A 74 12.30 1.85 -18.53
CA PHE A 74 12.78 1.29 -17.26
C PHE A 74 13.67 0.09 -17.51
N ARG A 75 13.36 -0.65 -18.58
CA ARG A 75 14.22 -1.76 -18.95
C ARG A 75 15.64 -1.27 -19.24
N VAL A 76 15.68 -0.10 -19.89
CA VAL A 76 16.97 0.53 -20.18
C VAL A 76 17.64 1.04 -18.89
N ASP A 77 16.85 1.68 -18.03
CA ASP A 77 17.37 2.19 -16.75
C ASP A 77 18.04 1.08 -15.94
N LEU A 78 17.42 -0.10 -15.91
CA LEU A 78 17.98 -1.22 -15.16
C LEU A 78 19.40 -1.52 -15.66
N ARG A 79 19.56 -1.56 -16.98
CA ARG A 79 20.87 -1.80 -17.55
C ARG A 79 21.82 -0.65 -17.24
N THR A 80 21.32 0.58 -17.36
CA THR A 80 22.14 1.76 -17.09
C THR A 80 22.70 1.75 -15.66
N LEU A 81 21.84 1.41 -14.69
CA LEU A 81 22.31 1.38 -13.30
C LEU A 81 23.33 0.27 -13.08
N LEU A 82 23.25 -0.82 -13.84
CA LEU A 82 24.23 -1.89 -13.68
C LEU A 82 25.59 -1.28 -13.96
N GLY A 83 25.63 -0.39 -14.95
CA GLY A 83 26.88 0.27 -15.30
C GLY A 83 27.30 1.28 -14.25
N TYR A 84 26.36 2.10 -13.79
CA TYR A 84 26.69 3.10 -12.78
C TYR A 84 27.31 2.47 -11.52
N TYR A 85 26.74 1.34 -11.11
CA TYR A 85 27.18 0.66 -9.91
C TYR A 85 28.18 -0.49 -10.12
N ASN A 86 28.54 -0.73 -11.38
CA ASN A 86 29.48 -1.79 -11.74
C ASN A 86 29.03 -3.15 -11.22
N GLN A 87 27.77 -3.49 -11.45
CA GLN A 87 27.24 -4.77 -10.98
C GLN A 87 27.13 -5.78 -12.12
N SER A 88 27.02 -7.05 -11.76
CA SER A 88 26.91 -8.13 -12.74
C SER A 88 25.54 -8.16 -13.42
N LYS A 89 25.46 -8.83 -14.56
CA LYS A 89 24.20 -8.94 -15.28
C LYS A 89 23.39 -10.15 -14.83
N GLY A 90 23.96 -10.93 -13.92
CA GLY A 90 23.27 -12.12 -13.46
C GLY A 90 22.31 -11.97 -12.29
N GLY A 91 22.41 -10.87 -11.55
CA GLY A 91 21.53 -10.68 -10.41
C GLY A 91 20.28 -9.84 -10.65
N SER A 92 19.27 -10.04 -9.80
CA SER A 92 18.03 -9.28 -9.91
C SER A 92 18.16 -7.94 -9.19
N HIS A 93 17.63 -6.88 -9.81
CA HIS A 93 17.69 -5.55 -9.21
C HIS A 93 16.34 -4.87 -9.31
N THR A 94 16.11 -3.87 -8.45
CA THR A 94 14.82 -3.20 -8.43
C THR A 94 14.86 -1.70 -8.48
N ILE A 95 13.98 -1.14 -9.31
CA ILE A 95 13.83 0.31 -9.36
C ILE A 95 12.43 0.58 -8.85
N GLN A 96 12.29 1.57 -8.00
CA GLN A 96 10.99 1.93 -7.46
C GLN A 96 10.81 3.42 -7.59
N VAL A 97 9.57 3.81 -7.85
CA VAL A 97 9.26 5.22 -7.95
C VAL A 97 7.89 5.55 -7.38
N ILE A 98 7.80 6.68 -6.69
N ILE A 98 7.81 6.68 -6.70
CA ILE A 98 6.53 7.15 -6.17
CA ILE A 98 6.56 7.18 -6.15
C ILE A 98 6.41 8.58 -6.67
C ILE A 98 6.44 8.60 -6.69
N SER A 99 5.35 8.86 -7.42
CA SER A 99 5.11 10.18 -7.99
C SER A 99 3.70 10.56 -7.70
N GLY A 100 3.48 11.84 -7.41
CA GLY A 100 2.13 12.28 -7.15
C GLY A 100 1.97 13.73 -6.83
N CYS A 101 0.72 14.13 -6.66
CA CYS A 101 0.40 15.50 -6.32
C CYS A 101 -0.73 15.47 -5.32
N GLU A 102 -0.77 16.49 -4.49
N GLU A 102 -0.77 16.49 -4.49
CA GLU A 102 -1.82 16.68 -3.49
CA GLU A 102 -1.82 16.68 -3.49
C GLU A 102 -2.49 18.05 -3.68
C GLU A 102 -2.49 18.05 -3.68
N VAL A 103 -3.79 18.09 -3.59
CA VAL A 103 -4.53 19.33 -3.69
C VAL A 103 -5.30 19.57 -2.41
N GLY A 104 -5.63 20.84 -2.15
CA GLY A 104 -6.42 21.20 -0.99
C GLY A 104 -7.89 20.94 -1.31
N SER A 105 -8.76 21.24 -0.36
N SER A 105 -8.76 21.25 -0.35
CA SER A 105 -10.19 21.03 -0.54
CA SER A 105 -10.19 21.06 -0.50
C SER A 105 -10.74 21.91 -1.66
C SER A 105 -10.72 21.90 -1.66
N ASP A 106 -10.00 22.95 -2.01
CA ASP A 106 -10.41 23.86 -3.09
C ASP A 106 -9.86 23.42 -4.45
N GLY A 107 -9.13 22.30 -4.45
CA GLY A 107 -8.61 21.78 -5.70
C GLY A 107 -7.31 22.36 -6.22
N ARG A 108 -6.69 23.26 -5.47
CA ARG A 108 -5.43 23.85 -5.90
C ARG A 108 -4.27 23.02 -5.39
N LEU A 109 -3.18 23.00 -6.15
CA LEU A 109 -2.00 22.24 -5.79
C LEU A 109 -1.42 22.63 -4.44
N LEU A 110 -1.18 21.62 -3.61
CA LEU A 110 -0.59 21.82 -2.27
C LEU A 110 0.86 21.42 -2.33
N ARG A 111 1.13 20.27 -2.94
CA ARG A 111 2.50 19.81 -3.08
C ARG A 111 2.60 18.74 -4.14
N GLY A 112 3.83 18.45 -4.56
CA GLY A 112 4.04 17.44 -5.57
C GLY A 112 5.34 16.76 -5.23
N TYR A 113 5.53 15.56 -5.73
CA TYR A 113 6.75 14.84 -5.40
C TYR A 113 7.03 13.70 -6.32
N GLN A 114 8.27 13.27 -6.29
CA GLN A 114 8.73 12.15 -7.07
C GLN A 114 10.02 11.66 -6.44
N GLN A 115 10.03 10.39 -6.05
CA GLN A 115 11.21 9.81 -5.42
C GLN A 115 11.53 8.47 -6.04
N TYR A 116 12.81 8.22 -6.21
CA TYR A 116 13.31 6.99 -6.79
C TYR A 116 14.18 6.23 -5.80
N ALA A 117 14.18 4.92 -5.93
CA ALA A 117 15.00 4.06 -5.10
C ALA A 117 15.54 2.96 -5.98
N TYR A 118 16.78 2.56 -5.73
CA TYR A 118 17.38 1.44 -6.44
C TYR A 118 17.71 0.40 -5.37
N ASP A 119 17.24 -0.82 -5.57
CA ASP A 119 17.44 -1.92 -4.62
C ASP A 119 17.06 -1.54 -3.19
N GLY A 120 15.92 -0.87 -3.05
CA GLY A 120 15.43 -0.49 -1.73
C GLY A 120 16.07 0.70 -1.05
N CSO A 121 17.00 1.35 -1.73
CA CSO A 121 17.68 2.52 -1.19
CB CSO A 121 19.18 2.27 -1.02
SG CSO A 121 19.59 0.82 0.01
C CSO A 121 17.43 3.82 -1.94
O CSO A 121 17.35 3.81 -3.18
OD CSO A 121 19.22 1.21 1.40
N ASP A 122 17.28 4.92 -1.22
CA ASP A 122 17.07 6.21 -1.86
C ASP A 122 18.06 6.40 -3.02
N TYR A 123 17.55 6.86 -4.16
CA TYR A 123 18.40 7.11 -5.33
C TYR A 123 18.37 8.60 -5.62
N ILE A 124 17.23 9.10 -6.12
CA ILE A 124 17.11 10.52 -6.39
C ILE A 124 15.70 10.98 -6.03
N ALA A 125 15.58 12.25 -5.65
CA ALA A 125 14.29 12.79 -5.27
C ALA A 125 14.15 14.25 -5.62
N LEU A 126 12.93 14.66 -5.96
CA LEU A 126 12.64 16.04 -6.28
C LEU A 126 12.48 16.80 -4.97
N ASN A 127 13.09 17.98 -4.88
CA ASN A 127 13.00 18.81 -3.69
C ASN A 127 11.63 19.49 -3.65
N GLU A 128 11.23 19.94 -2.47
CA GLU A 128 9.94 20.58 -2.30
C GLU A 128 9.74 21.76 -3.24
N ASP A 129 10.84 22.42 -3.61
CA ASP A 129 10.76 23.59 -4.50
C ASP A 129 10.28 23.23 -5.91
N LEU A 130 10.23 21.94 -6.22
CA LEU A 130 9.80 21.45 -7.53
C LEU A 130 10.73 21.94 -8.63
N LYS A 131 11.93 22.37 -8.24
CA LYS A 131 12.89 22.88 -9.21
C LYS A 131 14.21 22.13 -9.26
N THR A 132 14.63 21.55 -8.14
CA THR A 132 15.89 20.84 -8.10
C THR A 132 15.76 19.43 -7.53
N TRP A 133 16.77 18.62 -7.81
CA TRP A 133 16.82 17.23 -7.36
C TRP A 133 17.91 17.00 -6.32
N THR A 134 17.71 16.01 -5.46
N THR A 134 17.71 16.00 -5.47
CA THR A 134 18.73 15.69 -4.47
CA THR A 134 18.71 15.65 -4.47
C THR A 134 19.11 14.22 -4.72
C THR A 134 19.11 14.21 -4.75
N ALA A 135 20.40 13.98 -4.88
CA ALA A 135 20.91 12.63 -5.17
C ALA A 135 21.52 12.01 -3.93
N ALA A 136 21.18 10.75 -3.67
CA ALA A 136 21.65 10.02 -2.51
C ALA A 136 23.10 9.51 -2.62
N ASP A 137 23.56 9.25 -3.84
CA ASP A 137 24.92 8.78 -4.05
C ASP A 137 25.50 9.28 -5.37
N MET A 138 26.73 8.88 -5.69
CA MET A 138 27.39 9.34 -6.92
C MET A 138 26.77 8.83 -8.22
N ALA A 139 26.08 7.71 -8.16
CA ALA A 139 25.43 7.17 -9.35
C ALA A 139 24.27 8.11 -9.67
N ALA A 140 23.45 8.40 -8.66
CA ALA A 140 22.31 9.29 -8.84
C ALA A 140 22.76 10.68 -9.26
N LEU A 141 23.99 11.06 -8.93
CA LEU A 141 24.49 12.37 -9.31
C LEU A 141 24.61 12.44 -10.84
N ILE A 142 24.91 11.30 -11.46
CA ILE A 142 25.02 11.24 -12.92
C ILE A 142 23.65 11.53 -13.51
N THR A 143 22.62 10.95 -12.89
CA THR A 143 21.25 11.15 -13.34
C THR A 143 20.84 12.60 -13.14
N LYS A 144 21.21 13.15 -11.99
CA LYS A 144 20.88 14.54 -11.68
C LYS A 144 21.45 15.45 -12.76
N HIS A 145 22.70 15.20 -13.13
CA HIS A 145 23.35 16.00 -14.15
C HIS A 145 22.61 15.88 -15.49
N LYS A 146 22.18 14.67 -15.85
CA LYS A 146 21.44 14.48 -17.10
C LYS A 146 20.11 15.23 -17.03
N TRP A 147 19.42 15.10 -15.89
CA TRP A 147 18.14 15.76 -15.74
C TRP A 147 18.19 17.28 -15.75
N GLU A 148 19.27 17.86 -15.24
CA GLU A 148 19.38 19.31 -15.22
C GLU A 148 19.57 19.86 -16.63
N GLN A 149 20.37 19.19 -17.44
CA GLN A 149 20.62 19.60 -18.82
C GLN A 149 19.38 19.39 -19.68
N ALA A 150 18.54 18.46 -19.29
CA ALA A 150 17.35 18.19 -20.08
C ALA A 150 16.11 18.96 -19.61
N GLY A 151 16.20 19.61 -18.45
CA GLY A 151 15.06 20.35 -17.93
C GLY A 151 13.98 19.43 -17.37
N ALA A 152 14.38 18.27 -16.86
CA ALA A 152 13.44 17.29 -16.31
C ALA A 152 12.53 17.82 -15.21
N ALA A 153 13.07 18.65 -14.32
CA ALA A 153 12.29 19.21 -13.21
C ALA A 153 11.18 20.09 -13.74
N GLU A 154 11.52 20.91 -14.73
CA GLU A 154 10.54 21.81 -15.32
C GLU A 154 9.43 20.99 -15.96
N TYR A 155 9.80 19.91 -16.65
CA TYR A 155 8.79 19.06 -17.28
C TYR A 155 7.91 18.38 -16.25
N TYR A 156 8.52 17.90 -15.18
CA TYR A 156 7.72 17.25 -14.16
C TYR A 156 6.80 18.28 -13.50
N ARG A 157 7.32 19.46 -13.22
CA ARG A 157 6.50 20.49 -12.59
C ARG A 157 5.30 20.87 -13.46
N ALA A 158 5.46 20.84 -14.78
CA ALA A 158 4.36 21.17 -15.68
C ALA A 158 3.32 20.04 -15.58
N TYR A 159 3.80 18.81 -15.42
CA TYR A 159 2.90 17.66 -15.28
C TYR A 159 2.11 17.83 -13.97
N LEU A 160 2.81 18.18 -12.89
CA LEU A 160 2.15 18.35 -11.60
C LEU A 160 1.06 19.42 -11.64
N GLU A 161 1.43 20.62 -12.09
CA GLU A 161 0.48 21.73 -12.12
C GLU A 161 -0.61 21.59 -13.17
N GLY A 162 -0.34 20.79 -14.20
CA GLY A 162 -1.32 20.59 -15.25
C GLY A 162 -2.03 19.26 -15.17
N THR A 163 -1.50 18.27 -15.87
CA THR A 163 -2.08 16.94 -15.92
C THR A 163 -2.44 16.33 -14.55
N CYS A 164 -1.49 16.33 -13.62
CA CYS A 164 -1.73 15.70 -12.31
C CYS A 164 -2.91 16.30 -11.55
N VAL A 165 -2.87 17.60 -11.32
CA VAL A 165 -3.93 18.28 -10.61
C VAL A 165 -5.28 18.21 -11.30
N GLU A 166 -5.29 18.37 -12.62
CA GLU A 166 -6.56 18.35 -13.34
C GLU A 166 -7.24 17.00 -13.38
N TRP A 167 -6.46 15.94 -13.53
CA TRP A 167 -7.06 14.62 -13.55
C TRP A 167 -7.45 14.21 -12.13
N LEU A 168 -6.67 14.63 -11.13
CA LEU A 168 -7.02 14.32 -9.74
C LEU A 168 -8.39 14.92 -9.45
N ARG A 169 -8.59 16.19 -9.86
CA ARG A 169 -9.88 16.84 -9.67
C ARG A 169 -10.98 16.07 -10.39
N ARG A 170 -10.69 15.61 -11.59
CA ARG A 170 -11.68 14.85 -12.35
C ARG A 170 -12.00 13.52 -11.66
N TYR A 171 -10.98 12.84 -11.15
CA TYR A 171 -11.21 11.56 -10.47
C TYR A 171 -12.10 11.75 -9.23
N LEU A 172 -11.85 12.81 -8.46
CA LEU A 172 -12.62 13.11 -7.25
C LEU A 172 -14.07 13.42 -7.60
N LYS A 173 -14.25 14.09 -8.74
CA LYS A 173 -15.59 14.43 -9.21
C LYS A 173 -16.34 13.19 -9.66
N ASN A 174 -15.71 12.37 -10.49
CA ASN A 174 -16.36 11.18 -11.00
C ASN A 174 -16.60 10.10 -9.94
N GLY A 175 -15.63 9.90 -9.06
CA GLY A 175 -15.80 8.88 -8.04
C GLY A 175 -16.17 9.48 -6.70
N ASN A 176 -16.91 10.58 -6.72
CA ASN A 176 -17.30 11.28 -5.50
C ASN A 176 -18.04 10.41 -4.48
N ALA A 177 -18.91 9.52 -4.93
CA ALA A 177 -19.67 8.68 -4.00
C ALA A 177 -18.76 7.73 -3.22
N THR A 178 -17.59 7.42 -3.79
CA THR A 178 -16.63 6.51 -3.18
C THR A 178 -15.53 7.23 -2.43
N LEU A 179 -14.88 8.16 -3.11
CA LEU A 179 -13.75 8.90 -2.56
C LEU A 179 -14.05 9.94 -1.50
N LEU A 180 -15.26 10.49 -1.52
CA LEU A 180 -15.61 11.52 -0.54
C LEU A 180 -16.50 10.96 0.57
N ARG A 181 -16.64 9.64 0.62
CA ARG A 181 -17.48 9.07 1.64
C ARG A 181 -16.70 8.92 2.94
N THR A 182 -17.41 8.64 4.03
N THR A 182 -17.43 8.64 4.00
CA THR A 182 -16.77 8.42 5.31
CA THR A 182 -16.85 8.43 5.33
C THR A 182 -17.48 7.21 5.92
C THR A 182 -17.52 7.17 5.87
N ASP A 183 -16.74 6.13 6.12
CA ASP A 183 -17.30 4.91 6.69
C ASP A 183 -16.84 4.90 8.16
N SER A 184 -17.80 4.98 9.07
CA SER A 184 -17.51 5.03 10.50
C SER A 184 -16.92 3.72 11.03
N PRO A 185 -15.88 3.79 11.86
CA PRO A 185 -15.30 2.57 12.40
C PRO A 185 -16.29 1.93 13.39
N LYS A 186 -16.31 0.61 13.45
CA LYS A 186 -17.16 -0.12 14.40
C LYS A 186 -16.10 -0.82 15.26
N ALA A 187 -16.15 -0.61 16.57
CA ALA A 187 -15.13 -1.16 17.45
C ALA A 187 -15.57 -2.22 18.47
N HIS A 188 -14.61 -3.07 18.83
N HIS A 188 -14.63 -3.08 18.84
CA HIS A 188 -14.83 -4.16 19.78
CA HIS A 188 -14.87 -4.11 19.85
C HIS A 188 -13.53 -4.38 20.57
C HIS A 188 -13.55 -4.45 20.53
N VAL A 189 -13.65 -4.96 21.76
CA VAL A 189 -12.48 -5.29 22.56
C VAL A 189 -12.48 -6.79 22.80
N THR A 190 -11.34 -7.43 22.57
CA THR A 190 -11.21 -8.86 22.79
C THR A 190 -10.32 -9.01 24.02
N HIS A 191 -10.40 -10.17 24.66
CA HIS A 191 -9.67 -10.44 25.90
C HIS A 191 -8.97 -11.79 25.81
N HIS A 192 -7.69 -11.82 26.18
CA HIS A 192 -6.90 -13.06 26.15
C HIS A 192 -6.03 -13.23 27.40
N SER A 193 -6.06 -14.41 28.00
CA SER A 193 -5.26 -14.66 29.20
C SER A 193 -3.77 -14.77 28.88
N ARG A 194 -2.94 -14.51 29.88
CA ARG A 194 -1.49 -14.61 29.73
C ARG A 194 -0.93 -15.25 30.99
N PRO A 195 0.33 -15.67 30.96
CA PRO A 195 0.90 -16.27 32.17
C PRO A 195 1.22 -15.08 33.09
N GLU A 196 1.24 -15.32 34.40
CA GLU A 196 1.54 -14.26 35.38
C GLU A 196 0.35 -13.39 35.75
N ASP A 197 -0.85 -13.95 35.77
CA ASP A 197 -2.03 -13.16 36.12
C ASP A 197 -2.09 -11.83 35.39
N LYS A 198 -1.90 -11.87 34.08
CA LYS A 198 -1.97 -10.67 33.25
C LYS A 198 -2.92 -10.98 32.13
N VAL A 199 -3.48 -9.93 31.53
CA VAL A 199 -4.43 -10.08 30.44
C VAL A 199 -4.08 -9.19 29.26
N THR A 200 -4.35 -9.67 28.06
CA THR A 200 -4.10 -8.87 26.87
C THR A 200 -5.45 -8.33 26.45
N LEU A 201 -5.57 -7.01 26.37
CA LEU A 201 -6.82 -6.41 25.93
C LEU A 201 -6.55 -5.91 24.51
N ARG A 202 -7.38 -6.31 23.55
CA ARG A 202 -7.14 -5.86 22.18
C ARG A 202 -8.33 -5.08 21.63
N CYS A 203 -8.07 -3.84 21.26
CA CYS A 203 -9.11 -2.99 20.71
C CYS A 203 -9.08 -3.03 19.18
N TRP A 204 -10.22 -3.39 18.58
CA TRP A 204 -10.34 -3.47 17.13
C TRP A 204 -11.19 -2.31 16.59
N ALA A 205 -10.84 -1.85 15.39
CA ALA A 205 -11.59 -0.80 14.70
C ALA A 205 -11.73 -1.41 13.30
N LEU A 206 -12.97 -1.62 12.87
CA LEU A 206 -13.28 -2.25 11.60
C LEU A 206 -14.16 -1.41 10.65
N GLY A 207 -14.13 -1.79 9.37
CA GLY A 207 -14.95 -1.16 8.33
C GLY A 207 -14.90 0.34 8.16
N PHE A 208 -13.75 0.97 8.32
CA PHE A 208 -13.69 2.42 8.18
C PHE A 208 -12.99 2.97 6.91
N TYR A 209 -13.28 4.24 6.60
CA TYR A 209 -12.68 4.92 5.43
C TYR A 209 -12.89 6.41 5.65
N PRO A 210 -11.86 7.23 5.41
CA PRO A 210 -10.52 6.83 4.93
C PRO A 210 -9.68 6.08 5.98
N ALA A 211 -8.43 5.79 5.60
CA ALA A 211 -7.51 5.02 6.44
C ALA A 211 -6.96 5.67 7.71
N ASP A 212 -6.90 6.99 7.75
CA ASP A 212 -6.37 7.68 8.93
C ASP A 212 -7.27 7.45 10.13
N ILE A 213 -6.68 7.01 11.22
CA ILE A 213 -7.46 6.74 12.41
C ILE A 213 -6.50 6.77 13.58
N THR A 214 -7.04 6.95 14.78
CA THR A 214 -6.19 6.94 15.97
C THR A 214 -6.87 6.04 17.01
N LEU A 215 -6.13 5.04 17.48
CA LEU A 215 -6.61 4.11 18.51
C LEU A 215 -5.65 4.23 19.68
N THR A 216 -6.16 4.51 20.87
CA THR A 216 -5.30 4.61 22.03
C THR A 216 -5.93 3.82 23.18
N TRP A 217 -5.13 3.55 24.20
CA TRP A 217 -5.61 2.87 25.39
C TRP A 217 -5.35 3.84 26.54
N GLN A 218 -6.29 3.94 27.46
CA GLN A 218 -6.13 4.85 28.59
C GLN A 218 -6.30 4.19 29.96
N LEU A 219 -5.66 4.80 30.95
CA LEU A 219 -5.71 4.37 32.34
C LEU A 219 -5.51 5.64 33.16
N ASN A 220 -6.38 5.90 34.12
CA ASN A 220 -6.24 7.10 34.94
C ASN A 220 -6.25 8.32 34.03
N GLY A 221 -6.92 8.20 32.89
CA GLY A 221 -7.00 9.29 31.94
C GLY A 221 -5.73 9.60 31.18
N GLU A 222 -4.74 8.72 31.25
CA GLU A 222 -3.49 8.93 30.55
C GLU A 222 -3.27 7.87 29.48
N GLU A 223 -2.79 8.29 28.31
CA GLU A 223 -2.55 7.36 27.21
C GLU A 223 -1.35 6.47 27.50
N LEU A 224 -1.52 5.18 27.24
CA LEU A 224 -0.47 4.19 27.46
C LEU A 224 0.26 3.89 26.15
N ILE A 225 0.46 4.92 25.33
CA ILE A 225 1.10 4.78 24.03
C ILE A 225 2.39 3.97 24.14
N GLN A 226 3.16 4.20 25.20
CA GLN A 226 4.43 3.51 25.41
C GLN A 226 4.35 1.98 25.38
N ASP A 227 3.47 1.43 26.20
CA ASP A 227 3.34 -0.03 26.31
C ASP A 227 2.31 -0.65 25.37
N MET A 228 1.79 0.16 24.46
CA MET A 228 0.78 -0.30 23.52
C MET A 228 1.43 -1.08 22.38
N GLU A 229 0.71 -2.08 21.88
CA GLU A 229 1.17 -2.89 20.77
C GLU A 229 0.11 -2.78 19.67
N LEU A 230 0.54 -2.78 18.41
CA LEU A 230 -0.44 -2.67 17.32
C LEU A 230 0.08 -3.02 15.93
N VAL A 231 -0.83 -2.95 14.96
CA VAL A 231 -0.49 -3.23 13.56
C VAL A 231 -0.79 -1.97 12.75
N GLU A 232 -0.05 -1.80 11.66
CA GLU A 232 -0.27 -0.65 10.80
C GLU A 232 -1.67 -0.81 10.23
N THR A 233 -2.37 0.31 10.01
CA THR A 233 -3.70 0.25 9.45
C THR A 233 -3.59 -0.56 8.16
N ARG A 234 -4.58 -1.41 7.90
CA ARG A 234 -4.52 -2.29 6.75
C ARG A 234 -5.83 -2.42 6.02
N PRO A 235 -5.76 -2.67 4.70
CA PRO A 235 -6.96 -2.81 3.86
C PRO A 235 -7.65 -4.15 4.14
N ALA A 236 -8.98 -4.16 4.06
CA ALA A 236 -9.76 -5.37 4.32
C ALA A 236 -10.42 -5.99 3.09
N GLY A 237 -9.92 -5.62 1.91
CA GLY A 237 -10.40 -6.21 0.67
C GLY A 237 -11.67 -5.70 0.00
N ASP A 238 -12.30 -4.69 0.56
CA ASP A 238 -13.53 -4.14 0.00
C ASP A 238 -13.48 -2.62 0.00
N GLY A 239 -12.28 -2.05 0.03
CA GLY A 239 -12.15 -0.61 0.02
C GLY A 239 -12.17 0.05 1.37
N THR A 240 -12.29 -0.73 2.44
CA THR A 240 -12.27 -0.18 3.80
C THR A 240 -11.00 -0.66 4.52
N PHE A 241 -10.77 -0.13 5.71
CA PHE A 241 -9.58 -0.49 6.47
C PHE A 241 -9.89 -0.97 7.90
N GLN A 242 -8.90 -1.57 8.54
CA GLN A 242 -9.06 -2.04 9.92
C GLN A 242 -7.72 -1.87 10.64
N LYS A 243 -7.75 -1.90 11.97
CA LYS A 243 -6.55 -1.73 12.77
C LYS A 243 -6.84 -2.27 14.18
N TRP A 244 -5.79 -2.57 14.93
CA TRP A 244 -5.99 -2.98 16.32
C TRP A 244 -4.79 -2.53 17.11
N ALA A 245 -5.02 -2.28 18.39
CA ALA A 245 -3.96 -1.84 19.30
C ALA A 245 -4.27 -2.58 20.60
N SER A 246 -3.25 -3.15 21.24
CA SER A 246 -3.49 -3.88 22.49
C SER A 246 -2.56 -3.44 23.62
N VAL A 247 -2.96 -3.78 24.83
CA VAL A 247 -2.19 -3.51 26.03
C VAL A 247 -2.29 -4.68 27.01
N VAL A 248 -1.24 -4.92 27.76
CA VAL A 248 -1.23 -6.01 28.73
C VAL A 248 -1.53 -5.39 30.09
N VAL A 249 -2.60 -5.87 30.72
CA VAL A 249 -3.01 -5.35 32.02
C VAL A 249 -3.11 -6.45 33.07
N PRO A 250 -3.14 -6.07 34.37
CA PRO A 250 -3.25 -7.05 35.47
C PRO A 250 -4.65 -7.66 35.53
N LEU A 251 -4.71 -8.98 35.65
CA LEU A 251 -5.99 -9.66 35.74
C LEU A 251 -6.82 -9.03 36.84
N GLY A 252 -8.13 -8.92 36.61
CA GLY A 252 -9.01 -8.33 37.61
C GLY A 252 -9.12 -6.82 37.57
N LYS A 253 -8.33 -6.16 36.74
CA LYS A 253 -8.37 -4.70 36.66
C LYS A 253 -8.62 -4.19 35.24
N GLU A 254 -9.12 -5.07 34.39
CA GLU A 254 -9.41 -4.73 33.00
C GLU A 254 -10.38 -3.54 32.91
N GLN A 255 -11.31 -3.48 33.86
CA GLN A 255 -12.33 -2.43 33.90
C GLN A 255 -11.82 -1.00 33.98
N TYR A 256 -10.57 -0.79 34.35
CA TYR A 256 -10.03 0.56 34.45
C TYR A 256 -9.36 1.03 33.16
N TYR A 257 -9.32 0.15 32.17
CA TYR A 257 -8.71 0.50 30.89
C TYR A 257 -9.76 0.78 29.83
N THR A 258 -9.56 1.87 29.09
CA THR A 258 -10.51 2.23 28.03
C THR A 258 -9.83 2.45 26.69
N CYS A 259 -10.50 1.98 25.65
CA CYS A 259 -9.97 2.17 24.30
C CYS A 259 -10.65 3.43 23.73
N HIS A 260 -9.88 4.25 23.03
CA HIS A 260 -10.43 5.46 22.42
C HIS A 260 -10.18 5.41 20.91
N VAL A 261 -11.22 5.70 20.14
CA VAL A 261 -11.14 5.66 18.68
C VAL A 261 -11.55 7.02 18.10
N TYR A 262 -10.64 7.64 17.35
CA TYR A 262 -10.89 8.94 16.72
C TYR A 262 -10.82 8.75 15.21
N HIS A 263 -11.84 9.23 14.51
CA HIS A 263 -11.89 9.08 13.06
C HIS A 263 -12.82 10.15 12.46
N GLN A 264 -12.68 10.41 11.16
CA GLN A 264 -13.52 11.41 10.50
C GLN A 264 -14.99 11.02 10.59
N GLY A 265 -15.28 9.72 10.58
CA GLY A 265 -16.66 9.27 10.66
C GLY A 265 -17.25 9.15 12.05
N LEU A 266 -16.53 9.64 13.06
CA LEU A 266 -17.01 9.60 14.44
C LEU A 266 -17.13 11.02 14.97
N PRO A 267 -18.35 11.62 14.89
CA PRO A 267 -18.52 12.99 15.38
C PRO A 267 -17.94 13.12 16.79
N GLU A 268 -18.21 12.10 17.60
CA GLU A 268 -17.65 12.07 18.95
C GLU A 268 -16.88 10.76 18.99
N PRO A 269 -15.63 10.83 19.48
CA PRO A 269 -14.74 9.67 19.58
C PRO A 269 -15.41 8.51 20.31
N LEU A 270 -15.00 7.29 19.99
CA LEU A 270 -15.55 6.11 20.66
C LEU A 270 -14.75 5.79 21.91
N THR A 271 -15.45 5.32 22.94
CA THR A 271 -14.81 4.93 24.19
C THR A 271 -15.37 3.56 24.56
N LEU A 272 -14.50 2.56 24.63
CA LEU A 272 -14.96 1.22 24.98
C LEU A 272 -14.07 0.61 26.05
N ARG A 273 -14.54 -0.51 26.60
CA ARG A 273 -13.78 -1.23 27.61
C ARG A 273 -14.24 -2.68 27.61
N TRP A 274 -13.40 -3.57 28.16
CA TRP A 274 -13.74 -4.97 28.19
C TRP A 274 -15.05 -5.18 28.94
N ILE B 1 18.26 -4.86 -0.60
CA ILE B 1 17.99 -5.03 0.86
C ILE B 1 17.17 -6.28 1.13
N GLN B 2 17.44 -6.95 2.24
CA GLN B 2 16.70 -8.14 2.62
C GLN B 2 15.86 -7.86 3.86
N LYS B 3 14.54 -7.79 3.67
CA LYS B 3 13.62 -7.54 4.75
C LYS B 3 12.57 -8.64 4.77
N THR B 4 12.42 -9.30 5.90
CA THR B 4 11.46 -10.40 6.04
C THR B 4 10.03 -9.90 6.11
N PRO B 5 9.13 -10.55 5.37
CA PRO B 5 7.73 -10.13 5.38
C PRO B 5 6.95 -10.40 6.64
N GLN B 6 6.08 -9.46 6.97
CA GLN B 6 5.18 -9.56 8.10
C GLN B 6 3.94 -10.11 7.42
N ILE B 7 3.34 -11.16 7.99
CA ILE B 7 2.16 -11.80 7.41
C ILE B 7 1.00 -11.71 8.39
N GLN B 8 -0.06 -11.03 7.97
CA GLN B 8 -1.25 -10.86 8.79
C GLN B 8 -2.47 -11.43 8.07
N VAL B 9 -3.25 -12.26 8.79
CA VAL B 9 -4.44 -12.91 8.24
C VAL B 9 -5.65 -12.48 9.04
N TYR B 10 -6.68 -11.97 8.35
CA TYR B 10 -7.86 -11.47 9.05
C TYR B 10 -9.09 -11.38 8.16
N SER B 11 -10.26 -11.41 8.78
CA SER B 11 -11.50 -11.30 8.04
C SER B 11 -11.99 -9.86 8.06
N ARG B 12 -12.79 -9.50 7.07
CA ARG B 12 -13.35 -8.15 6.96
C ARG B 12 -14.35 -7.88 8.08
N HIS B 13 -15.17 -8.88 8.38
CA HIS B 13 -16.16 -8.77 9.45
C HIS B 13 -15.86 -9.83 10.50
N PRO B 14 -16.31 -9.62 11.74
CA PRO B 14 -16.04 -10.65 12.75
C PRO B 14 -16.73 -11.88 12.16
N PRO B 15 -16.08 -13.04 12.21
CA PRO B 15 -16.71 -14.23 11.64
C PRO B 15 -17.97 -14.74 12.32
N GLU B 16 -18.94 -15.08 11.47
CA GLU B 16 -20.20 -15.63 11.90
C GLU B 16 -20.45 -16.77 10.92
N ASN B 17 -20.44 -18.00 11.43
CA ASN B 17 -20.65 -19.14 10.57
C ASN B 17 -21.89 -18.95 9.69
N GLY B 18 -21.76 -19.32 8.42
CA GLY B 18 -22.87 -19.20 7.50
C GLY B 18 -23.08 -17.84 6.83
N LYS B 19 -22.30 -16.82 7.22
CA LYS B 19 -22.46 -15.49 6.65
C LYS B 19 -21.28 -15.13 5.76
N PRO B 20 -21.57 -14.63 4.53
CA PRO B 20 -20.50 -14.23 3.60
C PRO B 20 -19.54 -13.26 4.27
N ASN B 21 -18.25 -13.37 3.95
CA ASN B 21 -17.25 -12.52 4.56
C ASN B 21 -16.08 -12.46 3.57
N ILE B 22 -14.99 -11.81 3.97
CA ILE B 22 -13.81 -11.74 3.14
C ILE B 22 -12.58 -12.05 3.98
N LEU B 23 -11.75 -12.98 3.52
CA LEU B 23 -10.52 -13.30 4.23
C LEU B 23 -9.35 -12.57 3.57
N ASN B 24 -8.50 -11.99 4.41
CA ASN B 24 -7.35 -11.23 3.95
C ASN B 24 -6.02 -11.74 4.46
N CYS B 25 -5.01 -11.69 3.59
CA CYS B 25 -3.65 -12.02 3.98
C CYS B 25 -2.84 -10.84 3.50
N TYR B 26 -2.42 -10.00 4.43
CA TYR B 26 -1.65 -8.81 4.08
C TYR B 26 -0.18 -9.11 4.35
N VAL B 27 0.63 -9.04 3.30
CA VAL B 27 2.06 -9.33 3.41
C VAL B 27 2.80 -8.02 3.29
N THR B 28 3.55 -7.68 4.33
CA THR B 28 4.19 -6.38 4.35
C THR B 28 5.64 -6.34 4.75
N GLN B 29 6.20 -5.14 4.59
CA GLN B 29 7.57 -4.85 4.96
C GLN B 29 8.63 -5.77 4.38
N PHE B 30 8.44 -6.21 3.14
CA PHE B 30 9.43 -7.09 2.52
C PHE B 30 10.23 -6.47 1.36
N HIS B 31 11.36 -7.10 1.07
CA HIS B 31 12.27 -6.69 0.00
C HIS B 31 13.29 -7.81 -0.08
N PRO B 32 13.65 -8.26 -1.29
CA PRO B 32 13.20 -7.84 -2.62
C PRO B 32 11.71 -8.11 -2.91
N PRO B 33 11.19 -7.61 -4.06
CA PRO B 33 9.79 -7.82 -4.40
C PRO B 33 9.29 -9.21 -4.77
N HIS B 34 10.15 -10.08 -5.31
CA HIS B 34 9.69 -11.40 -5.69
C HIS B 34 9.15 -12.09 -4.44
N ILE B 35 7.96 -12.67 -4.56
CA ILE B 35 7.35 -13.32 -3.41
C ILE B 35 6.19 -14.17 -3.89
N GLU B 36 5.93 -15.27 -3.18
CA GLU B 36 4.82 -16.16 -3.51
C GLU B 36 3.88 -16.17 -2.33
N ILE B 37 2.61 -15.90 -2.60
CA ILE B 37 1.58 -15.85 -1.56
C ILE B 37 0.40 -16.75 -1.95
N GLN B 38 0.08 -17.70 -1.08
CA GLN B 38 -1.03 -18.63 -1.32
C GLN B 38 -1.97 -18.61 -0.13
N MET B 39 -3.27 -18.59 -0.41
CA MET B 39 -4.25 -18.65 0.67
C MET B 39 -4.74 -20.09 0.62
N LEU B 40 -4.88 -20.71 1.79
CA LEU B 40 -5.28 -22.11 1.84
C LEU B 40 -6.51 -22.35 2.69
N LYS B 41 -7.39 -23.23 2.21
CA LYS B 41 -8.59 -23.60 2.93
C LYS B 41 -8.41 -25.08 3.24
N ASN B 42 -8.36 -25.42 4.53
CA ASN B 42 -8.18 -26.83 4.92
C ASN B 42 -6.97 -27.46 4.25
N GLY B 43 -5.88 -26.71 4.22
CA GLY B 43 -4.64 -27.19 3.62
C GLY B 43 -4.56 -27.20 2.10
N LYS B 44 -5.62 -26.78 1.42
CA LYS B 44 -5.60 -26.77 -0.05
C LYS B 44 -5.67 -25.36 -0.61
N LYS B 45 -4.81 -25.05 -1.58
CA LYS B 45 -4.76 -23.73 -2.22
C LYS B 45 -6.13 -23.24 -2.66
N ILE B 46 -6.43 -21.97 -2.37
CA ILE B 46 -7.70 -21.38 -2.77
C ILE B 46 -7.50 -20.78 -4.17
N PRO B 47 -8.34 -21.16 -5.13
CA PRO B 47 -8.20 -20.62 -6.48
C PRO B 47 -8.82 -19.24 -6.67
N LYS B 48 -8.26 -18.45 -7.58
CA LYS B 48 -8.79 -17.14 -7.95
C LYS B 48 -8.63 -16.15 -6.82
N VAL B 49 -7.59 -16.21 -6.02
CA VAL B 49 -7.37 -15.22 -4.96
C VAL B 49 -7.05 -13.90 -5.66
N GLU B 50 -7.60 -12.81 -5.16
CA GLU B 50 -7.36 -11.50 -5.75
C GLU B 50 -6.22 -10.76 -5.07
N MET B 51 -5.25 -10.29 -5.86
CA MET B 51 -4.12 -9.53 -5.33
C MET B 51 -4.45 -8.05 -5.54
N SER B 52 -4.23 -7.23 -4.51
CA SER B 52 -4.53 -5.82 -4.58
C SER B 52 -3.71 -5.00 -3.59
N ASP B 53 -3.96 -3.69 -3.60
CA ASP B 53 -3.30 -2.76 -2.71
C ASP B 53 -1.80 -2.85 -2.60
N MET B 54 -1.14 -3.10 -3.73
CA MET B 54 0.30 -3.16 -3.74
C MET B 54 0.83 -1.74 -3.56
N SER B 55 1.85 -1.59 -2.72
CA SER B 55 2.46 -0.28 -2.49
C SER B 55 3.78 -0.43 -1.74
N PHE B 56 4.43 0.68 -1.45
CA PHE B 56 5.65 0.63 -0.66
C PHE B 56 5.64 1.76 0.34
N SER B 57 6.37 1.57 1.42
CA SER B 57 6.45 2.56 2.48
C SER B 57 7.62 3.51 2.25
N LYS B 58 7.82 4.41 3.19
CA LYS B 58 8.89 5.39 3.12
C LYS B 58 10.26 4.70 3.05
N ASP B 59 10.41 3.53 3.64
CA ASP B 59 11.69 2.86 3.59
C ASP B 59 11.77 1.92 2.39
N TRP B 60 10.80 2.06 1.49
CA TRP B 60 10.74 1.27 0.26
C TRP B 60 10.31 -0.19 0.35
N SER B 61 9.98 -0.67 1.55
N SER B 61 9.91 -0.62 1.54
CA SER B 61 9.57 -2.06 1.65
CA SER B 61 9.46 -2.00 1.71
C SER B 61 8.19 -2.21 1.00
C SER B 61 8.14 -2.21 0.99
N PHE B 62 7.94 -3.38 0.41
CA PHE B 62 6.69 -3.68 -0.28
C PHE B 62 5.56 -4.15 0.63
N TYR B 63 4.36 -3.83 0.19
CA TYR B 63 3.12 -4.20 0.87
C TYR B 63 2.17 -4.70 -0.20
N ILE B 64 1.47 -5.80 0.09
CA ILE B 64 0.48 -6.30 -0.86
C ILE B 64 -0.58 -7.14 -0.18
N LEU B 65 -1.81 -7.01 -0.66
CA LEU B 65 -2.93 -7.75 -0.10
C LEU B 65 -3.48 -8.86 -0.97
N ALA B 66 -3.67 -10.03 -0.36
CA ALA B 66 -4.29 -11.14 -1.06
C ALA B 66 -5.62 -11.29 -0.34
N HIS B 67 -6.71 -11.45 -1.08
CA HIS B 67 -8.01 -11.61 -0.46
C HIS B 67 -8.94 -12.46 -1.28
N THR B 68 -9.97 -12.98 -0.63
CA THR B 68 -10.90 -13.86 -1.30
C THR B 68 -12.19 -13.88 -0.50
N GLU B 69 -13.31 -14.03 -1.19
CA GLU B 69 -14.58 -14.11 -0.49
C GLU B 69 -14.66 -15.49 0.14
N PHE B 70 -15.37 -15.60 1.26
CA PHE B 70 -15.52 -16.90 1.92
C PHE B 70 -16.63 -16.84 2.96
N THR B 71 -17.25 -17.98 3.19
CA THR B 71 -18.29 -18.07 4.21
C THR B 71 -17.77 -19.03 5.28
N PRO B 72 -17.37 -18.49 6.44
CA PRO B 72 -16.86 -19.37 7.49
C PRO B 72 -17.85 -20.41 8.01
N THR B 73 -17.34 -21.59 8.31
CA THR B 73 -18.15 -22.66 8.90
C THR B 73 -17.40 -23.02 10.18
N GLU B 74 -18.01 -23.82 11.05
CA GLU B 74 -17.31 -24.14 12.29
C GLU B 74 -16.06 -24.99 12.07
N THR B 75 -16.08 -25.87 11.08
CA THR B 75 -14.93 -26.75 10.84
C THR B 75 -13.81 -26.27 9.91
N ASP B 76 -14.13 -25.42 8.93
CA ASP B 76 -13.11 -24.95 8.01
C ASP B 76 -12.02 -24.09 8.63
N THR B 77 -10.78 -24.39 8.28
CA THR B 77 -9.64 -23.62 8.76
C THR B 77 -8.96 -23.00 7.54
N TYR B 78 -8.35 -21.83 7.74
CA TYR B 78 -7.68 -21.10 6.66
C TYR B 78 -6.29 -20.64 7.07
N ALA B 79 -5.42 -20.49 6.07
CA ALA B 79 -4.07 -20.03 6.35
C ALA B 79 -3.49 -19.32 5.12
N CYS B 80 -2.36 -18.66 5.32
CA CYS B 80 -1.65 -17.96 4.26
C CYS B 80 -0.21 -18.42 4.27
N ARG B 81 0.24 -18.97 3.16
CA ARG B 81 1.60 -19.47 3.07
C ARG B 81 2.42 -18.56 2.15
N VAL B 82 3.56 -18.11 2.66
CA VAL B 82 4.43 -17.20 1.92
C VAL B 82 5.85 -17.73 1.73
N LYS B 83 6.36 -17.59 0.50
CA LYS B 83 7.72 -17.99 0.16
C LYS B 83 8.40 -16.70 -0.30
N HIS B 84 9.53 -16.40 0.31
CA HIS B 84 10.28 -15.19 0.01
C HIS B 84 11.76 -15.50 0.27
N ASP B 85 12.66 -14.86 -0.49
CA ASP B 85 14.10 -15.06 -0.35
C ASP B 85 14.69 -14.83 1.03
N SER B 86 14.00 -14.07 1.88
CA SER B 86 14.51 -13.79 3.21
C SER B 86 14.27 -14.97 4.17
N MET B 87 13.51 -15.96 3.72
CA MET B 87 13.21 -17.12 4.55
C MET B 87 13.64 -18.41 3.89
N ALA B 88 14.43 -19.20 4.60
CA ALA B 88 14.93 -20.48 4.09
C ALA B 88 13.78 -21.37 3.66
N GLU B 89 12.67 -21.31 4.39
CA GLU B 89 11.51 -22.13 4.06
C GLU B 89 10.23 -21.32 4.08
N PRO B 90 9.18 -21.84 3.43
CA PRO B 90 7.90 -21.15 3.40
C PRO B 90 7.36 -20.95 4.80
N LYS B 91 6.67 -19.83 5.01
CA LYS B 91 6.09 -19.54 6.30
C LYS B 91 4.57 -19.58 6.16
N THR B 92 3.91 -20.30 7.07
CA THR B 92 2.47 -20.40 7.04
C THR B 92 1.88 -19.74 8.29
N VAL B 93 0.92 -18.85 8.08
CA VAL B 93 0.27 -18.15 9.16
C VAL B 93 -1.21 -18.50 9.11
N TYR B 94 -1.72 -19.09 10.19
CA TYR B 94 -3.11 -19.50 10.25
C TYR B 94 -4.04 -18.41 10.74
N TRP B 95 -5.25 -18.40 10.20
CA TRP B 95 -6.26 -17.43 10.60
C TRP B 95 -6.71 -17.79 12.02
N ASP B 96 -6.63 -16.82 12.92
CA ASP B 96 -7.04 -16.98 14.31
C ASP B 96 -8.33 -16.21 14.50
N ARG B 97 -9.46 -16.89 14.38
CA ARG B 97 -10.74 -16.21 14.51
C ARG B 97 -11.10 -15.67 15.89
N ASP B 98 -10.27 -15.93 16.90
CA ASP B 98 -10.57 -15.41 18.24
C ASP B 98 -9.70 -14.23 18.64
N MET B 99 -8.75 -13.88 17.80
CA MET B 99 -7.85 -12.77 18.06
C MET B 99 -8.57 -11.49 18.45
N ARG C 1 -3.94 10.55 -14.31
CA ARG C 1 -3.02 10.01 -15.37
C ARG C 1 -1.59 10.12 -14.91
N GLY C 2 -0.79 9.14 -15.29
CA GLY C 2 0.61 9.13 -14.91
C GLY C 2 1.53 9.95 -15.77
N TYR C 3 2.75 10.10 -15.28
CA TYR C 3 3.78 10.85 -15.95
C TYR C 3 4.56 9.95 -16.91
N VAL C 4 5.22 10.54 -17.89
CA VAL C 4 6.05 9.78 -18.82
C VAL C 4 7.45 9.94 -18.22
N TYR C 5 7.93 8.89 -17.56
CA TYR C 5 9.22 8.95 -16.89
C TYR C 5 10.45 9.15 -17.79
N GLN C 6 11.38 9.92 -17.26
CA GLN C 6 12.64 10.25 -17.94
C GLN C 6 13.73 9.24 -17.59
N GLY C 7 14.54 8.89 -18.59
CA GLY C 7 15.63 7.94 -18.42
C GLY C 7 16.66 8.36 -17.38
N LEU C 8 17.23 7.36 -16.70
CA LEU C 8 18.25 7.61 -15.66
C LEU C 8 19.66 7.72 -16.21
C1 NAG D . -21.86 12.61 -6.55
C2 NAG D . -22.99 12.59 -5.50
C3 NAG D . -24.38 12.61 -6.16
C4 NAG D . -24.46 13.67 -7.27
C5 NAG D . -23.28 13.54 -8.23
C6 NAG D . -23.27 14.64 -9.29
C7 NAG D . -22.77 11.49 -3.38
C8 NAG D . -23.28 10.32 -2.55
N2 NAG D . -22.87 11.40 -4.69
O3 NAG D . -25.36 12.90 -5.17
O4 NAG D . -25.69 13.47 -8.01
O5 NAG D . -22.04 13.67 -7.48
O6 NAG D . -22.26 14.38 -10.28
O7 NAG D . -22.29 12.47 -2.80
C1 NAG D . -26.44 14.60 -8.30
C2 NAG D . -27.59 14.22 -9.24
C3 NAG D . -28.52 15.43 -9.47
C4 NAG D . -28.97 16.02 -8.12
C5 NAG D . -27.75 16.32 -7.26
C6 NAG D . -28.10 16.85 -5.88
C7 NAG D . -27.23 12.51 -10.89
C8 NAG D . -26.92 12.17 -12.34
N2 NAG D . -27.06 13.77 -10.51
O3 NAG D . -29.66 15.03 -10.21
O4 NAG D . -29.72 17.20 -8.33
O5 NAG D . -26.96 15.12 -7.06
O6 NAG D . -26.94 17.00 -5.09
O7 NAG D . -27.64 11.62 -10.12
C1 FUL D . -22.62 13.53 -11.31
C2 FUL D . -21.76 12.28 -11.26
O2 FUL D . -22.54 11.17 -10.86
C3 FUL D . -21.09 11.97 -12.60
O3 FUL D . -20.20 10.87 -12.44
C4 FUL D . -20.31 13.18 -13.12
O4 FUL D . -19.05 13.29 -12.47
C5 FUL D . -21.09 14.50 -12.96
C6 FUL D . -20.50 15.49 -11.99
O5 FUL D . -22.47 14.24 -12.57
C1 NAG E . 34.14 -3.26 -11.86
C2 NAG E . 35.52 -2.92 -11.25
C3 NAG E . 36.48 -4.13 -11.34
C4 NAG E . 35.81 -5.43 -10.86
C5 NAG E . 34.49 -5.60 -11.60
C6 NAG E . 33.71 -6.84 -11.25
C7 NAG E . 35.89 -0.55 -11.58
C8 NAG E . 35.80 0.51 -12.67
N2 NAG E . 36.13 -1.80 -11.96
O3 NAG E . 37.65 -3.88 -10.57
O4 NAG E . 36.65 -6.54 -11.14
O5 NAG E . 33.63 -4.48 -11.30
O6 NAG E . 32.75 -7.13 -12.26
O7 NAG E . 35.72 -0.23 -10.40
P PO4 F . -5.70 25.59 -12.66
O1 PO4 F . -5.38 24.85 -11.42
O2 PO4 F . -4.44 25.94 -13.36
O3 PO4 F . -6.53 24.73 -13.55
O4 PO4 F . -6.45 26.82 -12.34
P PO4 G . 8.90 -10.79 -9.90
O1 PO4 G . 7.45 -11.05 -9.67
O2 PO4 G . 9.57 -12.05 -10.31
O3 PO4 G . 9.07 -9.77 -10.95
O4 PO4 G . 9.51 -10.29 -8.64
C1 MPD H . 29.18 10.22 -1.55
C2 MPD H . 28.12 11.22 -1.18
O2 MPD H . 26.95 10.44 -0.85
CM MPD H . 28.54 12.03 -0.01
C3 MPD H . 27.75 12.20 -2.33
C4 MPD H . 26.46 11.96 -3.12
O4 MPD H . 25.33 12.00 -2.28
C5 MPD H . 26.29 13.01 -4.19
C1 MPD I . 4.79 -7.52 -4.96
C2 MPD I . 4.91 -8.21 -6.30
O2 MPD I . 5.99 -9.16 -6.17
CM MPD I . 3.66 -8.93 -6.65
C3 MPD I . 5.24 -7.23 -7.47
C4 MPD I . 6.68 -7.09 -7.97
O4 MPD I . 7.19 -8.31 -8.43
C5 MPD I . 6.79 -6.09 -9.11
C1 MPD J . -13.33 -10.30 12.44
C2 MPD J . -12.04 -9.81 13.05
O2 MPD J . -11.24 -10.98 13.29
CM MPD J . -11.33 -8.89 12.11
C3 MPD J . -12.22 -9.08 14.41
C4 MPD J . -12.72 -9.88 15.62
O4 MPD J . -12.59 -9.15 16.82
C5 MPD J . -14.19 -10.26 15.47
#